data_5N26
#
_entry.id   5N26
#
_cell.length_a   183.069
_cell.length_b   183.069
_cell.length_c   183.069
_cell.angle_alpha   90.00
_cell.angle_beta   90.00
_cell.angle_gamma   90.00
#
_symmetry.space_group_name_H-M   'F 4 3 2'
#
loop_
_entity.id
_entity.type
_entity.pdbx_description
1 polymer 'Ferritin heavy chain'
2 non-polymer Cisplatin
3 non-polymer bis(azanyl)-chloranyl-oxidanyl-platinum
4 non-polymer 'CHLORIDE ION'
5 non-polymer 'MAGNESIUM ION'
6 water water
#
_entity_poly.entity_id   1
_entity_poly.type   'polypeptide(L)'
_entity_poly.pdbx_seq_one_letter_code
;TTASTSQVRQNYHQDSEAAINRQINLELYASYVYLSMSYYFDRDDVALKNFAKYFLHQSHEEREHAEKLMKLQNQRGGRI
FLQDIKKPDCDDWESGLNAMECALHLEKNVNQSLLELHKLATDKNDPHLCDFIETHYLNEQVKAIKELGDHVTNLRKMGA
PESGLAEYLFDKHTLGDSDNES
;
_entity_poly.pdbx_strand_id   A
#
loop_
_chem_comp.id
_chem_comp.type
_chem_comp.name
_chem_comp.formula
73M non-polymer bis(azanyl)-chloranyl-oxidanyl-platinum 'Cl H5 N2 O Pt'
CL non-polymer 'CHLORIDE ION' 'Cl -1'
CPT non-polymer Cisplatin 'Cl2 H6 N2 Pt'
MG non-polymer 'MAGNESIUM ION' 'Mg 2'
#
# COMPACT_ATOMS: atom_id res chain seq x y z
N ALA A 3 24.56 18.08 -4.56
CA ALA A 3 25.48 19.05 -5.24
C ALA A 3 24.67 20.30 -5.57
N SER A 4 25.06 21.03 -6.62
CA SER A 4 24.33 22.24 -7.00
C SER A 4 22.83 21.95 -7.20
N THR A 5 22.03 23.00 -6.97
N THR A 5 22.02 22.98 -6.97
CA THR A 5 20.59 22.87 -6.87
CA THR A 5 20.59 22.84 -6.82
C THR A 5 20.00 22.53 -8.24
C THR A 5 19.94 22.64 -8.20
N SER A 6 18.86 21.86 -8.25
CA SER A 6 18.10 21.65 -9.47
C SER A 6 17.57 23.01 -9.96
N GLN A 7 17.69 23.29 -11.26
CA GLN A 7 17.09 24.49 -11.86
C GLN A 7 15.56 24.58 -11.62
N VAL A 8 14.89 23.48 -11.27
CA VAL A 8 13.47 23.48 -11.09
C VAL A 8 13.06 23.62 -9.62
N ARG A 9 13.98 23.36 -8.70
CA ARG A 9 13.62 23.22 -7.29
C ARG A 9 13.13 24.56 -6.75
N GLN A 10 11.98 24.56 -6.08
CA GLN A 10 11.48 25.78 -5.40
C GLN A 10 10.52 25.36 -4.27
N ASN A 11 10.80 25.89 -3.07
CA ASN A 11 10.05 25.61 -1.85
C ASN A 11 9.95 24.13 -1.51
N TYR A 12 11.03 23.39 -1.74
CA TYR A 12 11.03 21.96 -1.52
C TYR A 12 12.14 21.63 -0.56
N HIS A 13 11.78 21.38 0.69
CA HIS A 13 12.75 21.24 1.76
C HIS A 13 13.47 19.88 1.62
N GLN A 14 14.75 19.81 2.00
CA GLN A 14 15.45 18.53 1.98
C GLN A 14 14.78 17.44 2.77
N ASP A 15 14.22 17.80 3.91
CA ASP A 15 13.50 16.81 4.75
C ASP A 15 12.32 16.16 3.97
N SER A 16 11.61 17.00 3.21
CA SER A 16 10.47 16.54 2.44
C SER A 16 10.99 15.57 1.33
N GLU A 17 12.06 16.00 0.63
CA GLU A 17 12.78 15.13 -0.32
C GLU A 17 13.12 13.75 0.24
N ALA A 18 13.68 13.71 1.44
CA ALA A 18 14.02 12.44 2.11
C ALA A 18 12.78 11.67 2.48
N ALA A 19 11.76 12.36 2.95
CA ALA A 19 10.52 11.68 3.34
C ALA A 19 9.87 11.05 2.11
N ILE A 20 9.97 11.72 0.97
CA ILE A 20 9.39 11.14 -0.26
C ILE A 20 10.17 9.91 -0.68
N ASN A 21 11.50 9.92 -0.54
CA ASN A 21 12.30 8.68 -0.80
C ASN A 21 11.88 7.50 0.13
N ARG A 22 11.65 7.80 1.39
CA ARG A 22 11.14 6.75 2.33
C ARG A 22 9.79 6.23 1.92
N GLN A 23 8.90 7.15 1.51
CA GLN A 23 7.55 6.74 1.17
C GLN A 23 7.60 5.86 -0.12
N ILE A 24 8.49 6.16 -1.05
CA ILE A 24 8.65 5.38 -2.28
C ILE A 24 9.00 3.90 -1.88
N ASN A 25 9.93 3.77 -0.95
CA ASN A 25 10.33 2.43 -0.44
C ASN A 25 9.16 1.71 0.18
N LEU A 26 8.38 2.42 0.96
CA LEU A 26 7.23 1.85 1.57
C LEU A 26 6.18 1.39 0.56
N GLU A 27 5.96 2.15 -0.49
CA GLU A 27 4.97 1.80 -1.47
C GLU A 27 5.44 0.51 -2.21
N LEU A 28 6.73 0.43 -2.45
CA LEU A 28 7.30 -0.75 -3.13
C LEU A 28 7.24 -1.93 -2.20
N TYR A 29 7.52 -1.70 -0.92
CA TYR A 29 7.32 -2.75 0.06
C TYR A 29 5.86 -3.26 0.07
N ALA A 30 4.88 -2.35 0.08
CA ALA A 30 3.49 -2.77 0.03
C ALA A 30 3.20 -3.61 -1.24
N SER A 31 3.77 -3.20 -2.37
CA SER A 31 3.63 -3.91 -3.60
C SER A 31 4.05 -5.37 -3.42
N TYR A 32 5.16 -5.53 -2.72
CA TYR A 32 5.83 -6.83 -2.55
C TYR A 32 5.07 -7.73 -1.60
N VAL A 33 4.50 -7.14 -0.55
CA VAL A 33 3.61 -7.87 0.35
C VAL A 33 2.41 -8.44 -0.38
N TYR A 34 1.74 -7.60 -1.15
CA TYR A 34 0.57 -8.05 -1.90
C TYR A 34 0.91 -9.09 -2.95
N LEU A 35 2.12 -8.97 -3.52
CA LEU A 35 2.59 -9.96 -4.45
C LEU A 35 2.73 -11.33 -3.78
N SER A 36 3.36 -11.34 -2.59
CA SER A 36 3.52 -12.55 -1.83
C SER A 36 2.14 -13.16 -1.45
N MET A 37 1.24 -12.31 -0.93
CA MET A 37 -0.08 -12.80 -0.62
C MET A 37 -0.80 -13.45 -1.80
N SER A 38 -0.73 -12.78 -2.93
CA SER A 38 -1.39 -13.27 -4.13
C SER A 38 -1.02 -14.72 -4.43
N TYR A 39 0.29 -15.00 -4.49
CA TYR A 39 0.75 -16.31 -4.93
C TYR A 39 0.52 -17.34 -3.83
N TYR A 40 0.35 -16.90 -2.59
CA TYR A 40 -0.08 -17.80 -1.55
C TYR A 40 -1.44 -18.43 -1.93
N PHE A 41 -2.34 -17.63 -2.49
CA PHE A 41 -3.67 -18.14 -2.81
C PHE A 41 -3.72 -18.93 -4.06
N ASP A 42 -2.67 -18.83 -4.84
CA ASP A 42 -2.45 -19.64 -6.02
C ASP A 42 -1.86 -21.03 -5.72
N ARG A 43 -1.46 -21.30 -4.49
CA ARG A 43 -0.96 -22.63 -4.15
C ARG A 43 -2.04 -23.68 -4.30
N ASP A 44 -1.62 -24.91 -4.67
CA ASP A 44 -2.56 -26.01 -4.88
C ASP A 44 -3.28 -26.40 -3.60
N ASP A 45 -2.63 -26.14 -2.46
CA ASP A 45 -3.24 -26.38 -1.12
C ASP A 45 -3.94 -25.20 -0.48
N VAL A 46 -4.19 -24.14 -1.26
CA VAL A 46 -4.97 -23.01 -0.80
C VAL A 46 -6.05 -22.79 -1.83
N ALA A 47 -5.65 -22.44 -3.03
CA ALA A 47 -6.47 -22.54 -4.25
C ALA A 47 -7.71 -21.64 -4.22
N LEU A 48 -7.50 -20.37 -3.90
CA LEU A 48 -8.56 -19.35 -3.89
C LEU A 48 -8.19 -18.28 -4.89
N LYS A 49 -8.65 -18.52 -6.09
CA LYS A 49 -8.03 -17.83 -7.19
C LYS A 49 -8.48 -16.39 -7.28
N ASN A 50 -9.64 -16.08 -6.70
CA ASN A 50 -10.04 -14.67 -6.66
C ASN A 50 -9.36 -13.83 -5.57
N PHE A 51 -9.04 -14.42 -4.44
CA PHE A 51 -8.11 -13.86 -3.49
C PHE A 51 -6.80 -13.56 -4.21
N ALA A 52 -6.32 -14.51 -4.99
CA ALA A 52 -5.05 -14.32 -5.66
C ALA A 52 -5.13 -13.14 -6.61
N LYS A 53 -6.21 -13.07 -7.40
CA LYS A 53 -6.40 -11.95 -8.35
C LYS A 53 -6.50 -10.65 -7.60
N TYR A 54 -7.27 -10.62 -6.54
CA TYR A 54 -7.47 -9.42 -5.78
C TYR A 54 -6.14 -8.89 -5.25
N PHE A 55 -5.36 -9.73 -4.60
CA PHE A 55 -4.09 -9.20 -4.06
C PHE A 55 -3.10 -8.87 -5.18
N LEU A 56 -3.19 -9.57 -6.32
CA LEU A 56 -2.29 -9.24 -7.45
C LEU A 56 -2.56 -7.80 -7.97
N HIS A 57 -3.84 -7.51 -8.16
CA HIS A 57 -4.26 -6.18 -8.55
C HIS A 57 -3.79 -5.16 -7.49
N GLN A 58 -3.96 -5.45 -6.21
CA GLN A 58 -3.44 -4.52 -5.19
C GLN A 58 -1.90 -4.28 -5.34
N SER A 59 -1.15 -5.34 -5.68
CA SER A 59 0.27 -5.29 -5.84
C SER A 59 0.62 -4.32 -6.96
N HIS A 60 -0.08 -4.45 -8.09
CA HIS A 60 0.17 -3.55 -9.24
C HIS A 60 -0.17 -2.10 -8.96
N GLU A 61 -1.26 -1.87 -8.24
CA GLU A 61 -1.58 -0.53 -7.79
C GLU A 61 -0.51 0.09 -6.91
N GLU A 62 0.06 -0.70 -5.99
CA GLU A 62 1.10 -0.16 -5.11
C GLU A 62 2.30 0.29 -5.90
N ARG A 63 2.68 -0.50 -6.90
CA ARG A 63 3.77 -0.16 -7.83
C ARG A 63 3.45 1.16 -8.56
N GLU A 64 2.19 1.38 -8.97
CA GLU A 64 1.85 2.70 -9.53
C GLU A 64 1.96 3.84 -8.52
N HIS A 65 1.56 3.58 -7.27
CA HIS A 65 1.73 4.59 -6.22
C HIS A 65 3.20 4.96 -6.06
N ALA A 66 4.08 3.97 -6.12
CA ALA A 66 5.53 4.21 -6.03
C ALA A 66 6.04 5.03 -7.20
N GLU A 67 5.65 4.66 -8.41
CA GLU A 67 6.02 5.42 -9.62
C GLU A 67 5.63 6.90 -9.62
N LYS A 68 4.44 7.21 -9.10
CA LYS A 68 3.90 8.58 -9.04
C LYS A 68 4.72 9.41 -8.05
N LEU A 69 5.20 8.76 -6.98
CA LEU A 69 6.08 9.44 -6.05
C LEU A 69 7.48 9.69 -6.65
N MET A 70 7.95 8.74 -7.43
CA MET A 70 9.20 8.94 -8.16
C MET A 70 9.06 10.08 -9.17
N LYS A 71 7.91 10.14 -9.86
N LYS A 71 7.92 10.15 -9.87
CA LYS A 71 7.59 11.24 -10.80
CA LYS A 71 7.64 11.26 -10.80
C LYS A 71 7.63 12.55 -10.04
C LYS A 71 7.64 12.57 -10.03
N LEU A 72 6.96 12.56 -8.88
CA LEU A 72 6.85 13.75 -8.05
C LEU A 72 8.24 14.28 -7.61
N GLN A 73 9.09 13.34 -7.14
CA GLN A 73 10.45 13.69 -6.73
C GLN A 73 11.15 14.51 -7.82
N ASN A 74 11.10 13.98 -9.03
CA ASN A 74 11.74 14.67 -10.16
C ASN A 74 11.05 15.95 -10.54
N GLN A 75 9.73 15.97 -10.44
CA GLN A 75 8.96 17.19 -10.77
C GLN A 75 9.46 18.36 -9.92
N ARG A 76 9.68 18.06 -8.63
CA ARG A 76 10.09 19.04 -7.66
C ARG A 76 11.57 19.27 -7.59
N GLY A 77 12.35 18.50 -8.31
CA GLY A 77 13.76 18.70 -8.39
C GLY A 77 14.54 18.01 -7.28
N GLY A 78 13.89 17.06 -6.60
CA GLY A 78 14.62 16.18 -5.69
C GLY A 78 15.29 15.06 -6.44
N ARG A 79 16.09 14.27 -5.72
CA ARG A 79 16.78 13.16 -6.33
C ARG A 79 16.35 11.88 -5.62
N ILE A 80 15.94 10.92 -6.42
CA ILE A 80 15.45 9.66 -5.96
C ILE A 80 16.64 8.88 -5.38
N PHE A 81 16.47 8.28 -4.21
CA PHE A 81 17.48 7.37 -3.61
C PHE A 81 16.69 6.17 -3.15
N LEU A 82 16.98 5.08 -3.82
CA LEU A 82 16.27 3.86 -3.67
C LEU A 82 17.00 3.04 -2.59
N GLN A 83 16.24 2.19 -1.89
CA GLN A 83 16.81 1.28 -0.90
C GLN A 83 16.28 -0.13 -1.18
N ASP A 84 16.89 -1.12 -0.52
CA ASP A 84 16.41 -2.49 -0.60
C ASP A 84 14.89 -2.54 -0.33
N ILE A 85 14.18 -3.36 -1.09
CA ILE A 85 12.81 -3.67 -0.79
C ILE A 85 12.80 -4.95 0.07
N LYS A 86 12.45 -4.81 1.33
CA LYS A 86 12.50 -5.90 2.24
C LYS A 86 11.46 -6.91 1.85
N LYS A 87 11.76 -8.19 2.04
CA LYS A 87 10.77 -9.18 1.89
C LYS A 87 9.66 -9.04 2.90
N PRO A 88 8.51 -9.59 2.61
CA PRO A 88 7.42 -9.56 3.64
C PRO A 88 7.74 -10.38 4.89
N ASP A 89 7.18 -9.97 6.02
CA ASP A 89 7.18 -10.74 7.32
C ASP A 89 6.89 -12.22 7.21
N CYS A 90 5.86 -12.49 6.40
N CYS A 90 5.71 -12.61 6.71
CA CYS A 90 5.35 -13.82 6.18
CA CYS A 90 5.37 -14.06 6.66
C CYS A 90 5.63 -14.46 4.88
C CYS A 90 5.39 -14.53 5.15
N ASP A 91 5.92 -15.75 4.94
CA ASP A 91 5.88 -16.52 3.69
C ASP A 91 4.48 -17.16 3.49
N ASP A 92 3.88 -17.56 4.63
CA ASP A 92 2.59 -18.26 4.75
C ASP A 92 1.57 -17.35 5.40
N TRP A 93 0.49 -17.10 4.68
CA TRP A 93 -0.47 -16.15 5.14
C TRP A 93 -1.67 -16.76 5.79
N GLU A 94 -1.67 -18.10 5.98
CA GLU A 94 -2.61 -18.83 6.82
C GLU A 94 -3.99 -19.10 6.28
N SER A 95 -4.70 -18.06 5.89
CA SER A 95 -6.12 -18.16 5.51
C SER A 95 -6.49 -16.83 4.77
N GLY A 96 -7.60 -16.86 4.05
CA GLY A 96 -8.20 -15.64 3.47
C GLY A 96 -8.39 -14.52 4.49
N LEU A 97 -9.06 -14.81 5.59
CA LEU A 97 -9.23 -13.86 6.69
C LEU A 97 -7.90 -13.31 7.16
N ASN A 98 -6.93 -14.16 7.44
CA ASN A 98 -5.64 -13.66 7.99
C ASN A 98 -4.91 -12.70 7.02
N ALA A 99 -4.96 -13.00 5.72
CA ALA A 99 -4.30 -12.17 4.76
C ALA A 99 -5.05 -10.82 4.71
N MET A 100 -6.38 -10.85 4.71
CA MET A 100 -7.11 -9.57 4.71
C MET A 100 -6.77 -8.70 5.92
N GLU A 101 -6.73 -9.34 7.09
CA GLU A 101 -6.34 -8.69 8.29
C GLU A 101 -4.96 -8.09 8.17
N CYS A 102 -3.98 -8.83 7.64
CA CYS A 102 -2.62 -8.26 7.47
C CYS A 102 -2.60 -7.15 6.44
N ALA A 103 -3.41 -7.28 5.37
CA ALA A 103 -3.51 -6.16 4.42
C ALA A 103 -4.05 -4.87 5.06
N LEU A 104 -5.04 -5.02 5.94
CA LEU A 104 -5.58 -3.93 6.72
C LEU A 104 -4.51 -3.24 7.59
N HIS A 105 -3.71 -4.03 8.29
N HIS A 105 -3.73 -4.04 8.31
CA HIS A 105 -2.64 -3.50 9.13
CA HIS A 105 -2.59 -3.62 9.12
C HIS A 105 -1.61 -2.76 8.23
C HIS A 105 -1.62 -2.81 8.25
N LEU A 106 -1.23 -3.38 7.13
CA LEU A 106 -0.33 -2.76 6.11
C LEU A 106 -0.89 -1.41 5.64
N GLU A 107 -2.18 -1.36 5.31
CA GLU A 107 -2.70 -0.09 4.75
C GLU A 107 -2.80 1.01 5.83
N LYS A 108 -3.10 0.60 7.06
CA LYS A 108 -3.08 1.56 8.16
C LYS A 108 -1.68 2.09 8.43
N ASN A 109 -0.67 1.22 8.39
CA ASN A 109 0.72 1.70 8.46
C ASN A 109 1.13 2.64 7.33
N VAL A 110 0.72 2.34 6.09
CA VAL A 110 1.07 3.22 4.96
C VAL A 110 0.37 4.55 5.16
N ASN A 111 -0.88 4.49 5.62
CA ASN A 111 -1.62 5.69 5.87
C ASN A 111 -0.96 6.51 6.97
N GLN A 112 -0.46 5.88 8.03
CA GLN A 112 0.23 6.65 9.10
C GLN A 112 1.49 7.35 8.57
N SER A 113 2.26 6.65 7.73
CA SER A 113 3.39 7.26 7.07
C SER A 113 2.98 8.43 6.20
N LEU A 114 1.84 8.31 5.48
CA LEU A 114 1.41 9.38 4.59
C LEU A 114 0.95 10.63 5.39
N LEU A 115 0.32 10.43 6.53
CA LEU A 115 -0.07 11.48 7.46
C LEU A 115 1.13 12.23 8.13
N GLU A 116 2.13 11.48 8.50
CA GLU A 116 3.42 12.02 8.93
C GLU A 116 4.07 12.88 7.84
N LEU A 117 4.05 12.35 6.61
CA LEU A 117 4.57 13.05 5.50
C LEU A 117 3.76 14.34 5.29
N HIS A 118 2.42 14.30 5.43
CA HIS A 118 1.61 15.50 5.27
C HIS A 118 1.96 16.52 6.38
N LYS A 119 2.13 16.04 7.58
CA LYS A 119 2.53 16.88 8.68
C LYS A 119 3.82 17.61 8.39
N LEU A 120 4.80 16.89 7.85
CA LEU A 120 6.06 17.53 7.51
C LEU A 120 5.87 18.60 6.42
N ALA A 121 5.12 18.25 5.40
CA ALA A 121 4.85 19.15 4.34
C ALA A 121 4.18 20.39 4.84
N THR A 122 3.19 20.23 5.72
CA THR A 122 2.54 21.32 6.41
C THR A 122 3.55 22.18 7.22
N ASP A 123 4.39 21.54 8.03
CA ASP A 123 5.38 22.29 8.82
C ASP A 123 6.37 23.03 7.94
N LYS A 124 6.63 22.58 6.72
CA LYS A 124 7.58 23.26 5.87
C LYS A 124 6.85 24.13 4.86
N ASN A 125 5.53 24.34 5.04
CA ASN A 125 4.77 25.24 4.23
C ASN A 125 4.93 24.93 2.74
N ASP A 126 4.76 23.64 2.41
CA ASP A 126 4.76 23.20 1.03
C ASP A 126 3.31 22.82 0.64
N PRO A 127 2.50 23.84 0.20
CA PRO A 127 1.13 23.47 -0.18
C PRO A 127 1.02 22.60 -1.42
N HIS A 128 1.97 22.70 -2.37
CA HIS A 128 1.90 21.82 -3.50
C HIS A 128 2.01 20.37 -3.05
N LEU A 129 2.94 20.10 -2.13
CA LEU A 129 3.13 18.75 -1.61
C LEU A 129 1.94 18.25 -0.78
N CYS A 130 1.40 19.14 0.07
CA CYS A 130 0.13 18.88 0.75
C CYS A 130 -0.97 18.42 -0.19
N ASP A 131 -1.20 19.21 -1.24
CA ASP A 131 -2.21 18.89 -2.21
C ASP A 131 -1.96 17.55 -2.95
N PHE A 132 -0.70 17.29 -3.31
CA PHE A 132 -0.31 16.05 -3.91
C PHE A 132 -0.69 14.86 -3.08
N ILE A 133 -0.39 14.93 -1.82
CA ILE A 133 -0.67 13.84 -0.91
C ILE A 133 -2.17 13.65 -0.75
N GLU A 134 -2.89 14.74 -0.54
CA GLU A 134 -4.33 14.76 -0.40
C GLU A 134 -5.02 14.17 -1.61
N THR A 135 -4.54 14.59 -2.77
CA THR A 135 -5.19 14.33 -4.03
C THR A 135 -5.02 12.89 -4.49
N HIS A 136 -3.82 12.33 -4.31
CA HIS A 136 -3.54 11.06 -4.92
C HIS A 136 -3.37 9.96 -3.88
N TYR A 137 -3.27 10.32 -2.60
CA TYR A 137 -2.96 9.31 -1.60
C TYR A 137 -3.97 9.17 -0.46
N LEU A 138 -4.36 10.25 0.16
CA LEU A 138 -5.08 10.10 1.42
C LEU A 138 -6.43 9.45 1.29
N ASN A 139 -7.25 9.91 0.33
CA ASN A 139 -8.56 9.29 0.16
C ASN A 139 -8.41 7.86 -0.40
N GLU A 140 -7.39 7.62 -1.25
N GLU A 140 -7.40 7.58 -1.24
CA GLU A 140 -7.12 6.26 -1.71
CA GLU A 140 -7.18 6.20 -1.67
C GLU A 140 -6.92 5.35 -0.49
C GLU A 140 -6.91 5.31 -0.46
N GLN A 141 -6.19 5.80 0.53
CA GLN A 141 -5.97 4.99 1.74
C GLN A 141 -7.27 4.76 2.53
N VAL A 142 -8.08 5.80 2.65
CA VAL A 142 -9.34 5.70 3.41
C VAL A 142 -10.26 4.69 2.75
N LYS A 143 -10.35 4.78 1.43
CA LYS A 143 -11.13 3.77 0.67
C LYS A 143 -10.58 2.38 0.84
N ALA A 144 -9.26 2.23 0.76
CA ALA A 144 -8.67 0.88 0.82
C ALA A 144 -8.85 0.27 2.18
N ILE A 145 -8.70 1.09 3.21
CA ILE A 145 -8.91 0.67 4.59
C ILE A 145 -10.36 0.26 4.86
N LYS A 146 -11.31 1.07 4.41
CA LYS A 146 -12.72 0.74 4.57
C LYS A 146 -13.06 -0.57 3.84
N GLU A 147 -12.63 -0.72 2.58
CA GLU A 147 -12.84 -2.01 1.87
C GLU A 147 -12.31 -3.23 2.57
N LEU A 148 -11.09 -3.15 3.02
CA LEU A 148 -10.51 -4.22 3.82
C LEU A 148 -11.26 -4.50 5.12
N GLY A 149 -11.69 -3.45 5.83
CA GLY A 149 -12.49 -3.66 7.02
C GLY A 149 -13.77 -4.40 6.66
N ASP A 150 -14.41 -3.96 5.58
CA ASP A 150 -15.62 -4.59 5.13
C ASP A 150 -15.33 -6.08 4.87
N HIS A 151 -14.21 -6.38 4.22
CA HIS A 151 -13.93 -7.76 3.85
C HIS A 151 -13.70 -8.61 5.10
N VAL A 152 -12.93 -8.08 6.01
CA VAL A 152 -12.62 -8.79 7.27
C VAL A 152 -13.89 -9.10 8.03
N THR A 153 -14.74 -8.09 8.16
CA THR A 153 -16.04 -8.26 8.78
C THR A 153 -16.88 -9.39 8.16
N ASN A 154 -17.06 -9.37 6.85
CA ASN A 154 -17.81 -10.44 6.18
C ASN A 154 -17.22 -11.81 6.43
N LEU A 155 -15.87 -11.92 6.26
CA LEU A 155 -15.23 -13.21 6.45
C LEU A 155 -15.49 -13.76 7.88
N ARG A 156 -15.34 -12.90 8.87
N ARG A 156 -15.35 -12.91 8.86
CA ARG A 156 -15.61 -13.28 10.24
CA ARG A 156 -15.63 -13.30 10.23
C ARG A 156 -17.07 -13.72 10.45
C ARG A 156 -17.07 -13.73 10.44
N LYS A 157 -18.01 -12.90 9.96
CA LYS A 157 -19.40 -13.21 10.10
C LYS A 157 -19.78 -14.52 9.42
N MET A 158 -19.11 -14.83 8.32
CA MET A 158 -19.36 -16.04 7.59
C MET A 158 -18.82 -17.28 8.28
N GLY A 159 -17.95 -17.16 9.28
CA GLY A 159 -17.34 -18.30 9.96
C GLY A 159 -15.86 -18.49 9.64
N ALA A 160 -15.21 -17.58 8.91
CA ALA A 160 -13.78 -17.77 8.65
C ALA A 160 -12.98 -17.57 9.96
N PRO A 161 -11.80 -18.15 10.12
CA PRO A 161 -11.11 -19.01 9.15
C PRO A 161 -11.45 -20.49 9.22
N GLU A 162 -12.18 -20.93 10.25
CA GLU A 162 -12.49 -22.33 10.46
C GLU A 162 -13.26 -22.88 9.26
N SER A 163 -14.28 -22.12 8.80
CA SER A 163 -15.10 -22.58 7.68
C SER A 163 -14.39 -22.33 6.33
N GLY A 164 -13.88 -23.43 5.78
CA GLY A 164 -13.28 -23.40 4.45
C GLY A 164 -14.37 -23.06 3.43
N LEU A 165 -15.62 -23.51 3.71
CA LEU A 165 -16.78 -23.08 2.93
C LEU A 165 -16.98 -21.56 2.83
N ALA A 166 -16.84 -20.89 3.97
CA ALA A 166 -16.96 -19.45 4.02
C ALA A 166 -15.92 -18.75 3.12
N GLU A 167 -14.65 -19.17 3.20
CA GLU A 167 -13.68 -18.49 2.40
C GLU A 167 -13.92 -18.76 0.92
N TYR A 168 -14.36 -19.97 0.59
CA TYR A 168 -14.64 -20.34 -0.78
C TYR A 168 -15.80 -19.50 -1.34
N LEU A 169 -16.85 -19.30 -0.53
CA LEU A 169 -17.99 -18.54 -1.03
C LEU A 169 -17.70 -17.04 -1.13
N PHE A 170 -16.88 -16.55 -0.21
CA PHE A 170 -16.45 -15.13 -0.25
C PHE A 170 -15.60 -14.87 -1.49
N ASP A 171 -14.70 -15.81 -1.76
CA ASP A 171 -13.95 -15.82 -2.97
C ASP A 171 -14.86 -15.67 -4.22
N LYS A 172 -15.94 -16.39 -4.26
CA LYS A 172 -16.77 -16.42 -5.47
C LYS A 172 -17.63 -15.18 -5.51
N HIS A 173 -18.27 -14.84 -4.39
CA HIS A 173 -19.26 -13.78 -4.40
C HIS A 173 -18.76 -12.36 -4.18
N THR A 174 -17.73 -12.16 -3.36
CA THR A 174 -17.28 -10.80 -3.13
C THR A 174 -16.09 -10.50 -4.04
N LEU A 175 -15.14 -11.41 -4.19
CA LEU A 175 -13.94 -11.11 -4.95
C LEU A 175 -14.09 -11.53 -6.41
N GLY A 176 -15.20 -12.14 -6.72
CA GLY A 176 -15.36 -12.83 -7.95
C GLY A 176 -16.31 -11.97 -8.78
PT1 CPT B . -4.42 10.24 -8.26
N1 CPT B . -6.23 11.08 -7.84
N2 CPT B . -5.52 8.51 -8.52
N1 73M C . -2.73 -4.49 13.53
N2 73M C . -3.50 -1.57 13.20
O2 73M C . -1.24 -1.12 11.54
PT1 73M C . -2.02 -2.85 12.58
PT1 73M C . 0.04 -7.63 9.71
PT1 CPT D . -1.68 -9.68 10.65
PT1 CPT D . 1.08 -10.78 8.77
CL1 CPT D . 2.40 -8.99 8.05
PT1 CPT E . 3.17 -13.05 9.61
PT1 CPT E . 4.65 -17.44 8.68
CL1 CPT E . 1.06 -13.56 8.89
CL CL F . -23.97 -19.62 -3.02
CL CL G . 13.94 24.62 -2.46
CL CL H . -14.81 8.45 -1.66
CL CL I . 16.15 22.50 2.48
CL CL J . -24.15 -17.08 -7.95
CL CL K . 19.36 -0.34 1.23
MG MG L . -4.82 22.26 3.09
MG MG M . 15.69 -9.27 6.50
MG MG N . -4.88 18.82 -8.72
MG MG O . -5.36 -0.50 -3.43
MG MG P . 0.19 2.73 -1.60
#